data_4TUZ
#
_entry.id   4TUZ
#
_cell.length_a   55.960
_cell.length_b   83.430
_cell.length_c   58.770
_cell.angle_alpha   90.00
_cell.angle_beta   108.59
_cell.angle_gamma   90.00
#
_symmetry.space_group_name_H-M   'P 1 21 1'
#
loop_
_entity.id
_entity.type
_entity.pdbx_description
1 polymer 'Estrogen receptor'
2 polymer 'Estrogen receptor'
3 polymer 'Nuclear receptor coactivator 1'
4 non-polymer (3S,7R,11E)-7,14,16-trihydroxy-3-methyl-3,4,5,6,7,8,9,10-octahydro-1H-2-benzoxacyclotetradecin-1-one
5 non-polymer GLYCEROL
6 non-polymer 1,2-ETHANEDIOL
7 water water
#
loop_
_entity_poly.entity_id
_entity_poly.type
_entity_poly.pdbx_seq_one_letter_code
_entity_poly.pdbx_strand_id
1 'polypeptide(L)'
;GSHMKKNSLALSLTADQMVSALLDAEPPILYSEYDPTRPFSEASMMGLLTNLADRELVHMINWAKRVPGFVDLTLHDQVH
LLE(CSO)AWLEILMIGLVWRSMEHPGKLLFAPNLLLDRNQGKCVEGMVEIFDMLLATSSRFRMMNLQGEEFVCLKSIIL
LNSGVYTFLSSTLKSLEEKDHIHRVLDKITDTLIHLMAKAGLTLQQQHQRLAQLLLILSHIRHMSNKGMEHLYSMK
(CSO)KNVVPLSDLLLEMLDAHRLHAP
;
A
2 'polypeptide(L)'
;GSHMKKNSLALSLTADQMVSALLDAEPPILYSEYDPTRPFSEASMMGLLTNLADRELVHMINWAKRVPGFVDLTLHDQVH
LLE(CSO)AWLEILMIGLVWRSMEHPGKLLFAPNLLLDRNQGK(CSO)VEGMVEIFDMLLATSSRFRMMNLQGEEFVCLK
SIILLNSGVYTFLSSTLKSLEEKDHIHRVLDKITDTLIHLMAKAGLTLQQQHQRLAQLLLILSHIRHMSNKGMEHLYSMK
(CSO)KNVVPLSDLLLEMLDAHRLHAP
;
B
3 'polypeptide(L)' RHKILHRLLQEGS F,G
#
# COMPACT_ATOMS: atom_id res chain seq x y z
N SER A 8 1.43 19.00 23.47
CA SER A 8 0.46 18.44 22.54
C SER A 8 -0.59 17.62 23.30
N LEU A 9 -1.84 18.08 23.24
CA LEU A 9 -2.94 17.37 23.91
C LEU A 9 -3.09 15.97 23.33
N ALA A 10 -2.76 15.83 22.04
CA ALA A 10 -2.84 14.55 21.36
C ALA A 10 -2.04 13.49 22.13
N LEU A 11 -0.76 13.77 22.34
CA LEU A 11 0.13 12.84 23.02
C LEU A 11 -0.31 12.61 24.47
N SER A 12 -1.17 13.47 24.98
CA SER A 12 -1.61 13.41 26.37
C SER A 12 -2.86 12.54 26.55
N LEU A 13 -3.51 12.19 25.46
CA LEU A 13 -4.74 11.40 25.53
C LEU A 13 -4.50 9.96 25.98
N THR A 14 -5.42 9.42 26.77
CA THR A 14 -5.42 7.99 27.05
C THR A 14 -6.00 7.26 25.85
N ALA A 15 -5.96 5.94 25.87
CA ALA A 15 -6.50 5.14 24.78
C ALA A 15 -8.00 5.37 24.63
N ASP A 16 -8.72 5.31 25.74
CA ASP A 16 -10.16 5.52 25.73
C ASP A 16 -10.51 6.91 25.22
N GLN A 17 -9.70 7.90 25.59
CA GLN A 17 -9.94 9.27 25.14
C GLN A 17 -9.70 9.41 23.64
N MET A 18 -8.67 8.73 23.14
CA MET A 18 -8.36 8.73 21.71
C MET A 18 -9.52 8.14 20.91
N VAL A 19 -10.04 7.01 21.37
CA VAL A 19 -11.14 6.34 20.71
C VAL A 19 -12.40 7.21 20.68
N SER A 20 -12.71 7.83 21.82
CA SER A 20 -13.88 8.70 21.92
C SER A 20 -13.76 9.90 20.99
N ALA A 21 -12.58 10.51 20.96
CA ALA A 21 -12.35 11.65 20.07
C ALA A 21 -12.58 11.24 18.62
N LEU A 22 -12.04 10.09 18.23
CA LEU A 22 -12.17 9.63 16.85
C LEU A 22 -13.61 9.26 16.52
N LEU A 23 -14.26 8.53 17.41
CA LEU A 23 -15.65 8.16 17.18
C LEU A 23 -16.54 9.39 17.04
N ASP A 24 -16.29 10.41 17.85
CA ASP A 24 -17.09 11.64 17.83
C ASP A 24 -16.86 12.47 16.56
N ALA A 25 -15.68 12.35 15.98
CA ALA A 25 -15.33 13.14 14.80
C ALA A 25 -15.86 12.54 13.51
N GLU A 26 -16.43 11.35 13.61
CA GLU A 26 -16.92 10.61 12.44
C GLU A 26 -17.92 11.42 11.61
N PRO A 27 -17.68 11.48 10.29
CA PRO A 27 -18.63 12.19 9.43
C PRO A 27 -19.90 11.38 9.18
N PRO A 28 -20.96 12.04 8.72
CA PRO A 28 -22.22 11.31 8.50
C PRO A 28 -22.20 10.54 7.19
N ILE A 29 -23.11 9.57 7.06
CA ILE A 29 -23.34 8.91 5.79
C ILE A 29 -24.23 9.81 4.95
N LEU A 30 -23.73 10.20 3.77
CA LEU A 30 -24.47 11.13 2.92
C LEU A 30 -25.29 10.39 1.88
N TYR A 31 -26.24 11.10 1.27
CA TYR A 31 -27.04 10.53 0.19
C TYR A 31 -26.51 10.97 -1.16
N SER A 32 -26.74 10.17 -2.20
CA SER A 32 -26.33 10.58 -3.52
C SER A 32 -27.46 11.28 -4.27
N GLU A 33 -27.11 11.81 -5.43
CA GLU A 33 -28.05 12.51 -6.29
CA GLU A 33 -28.09 12.50 -6.28
C GLU A 33 -28.74 11.53 -7.25
N TYR A 34 -28.81 10.26 -6.87
CA TYR A 34 -29.39 9.25 -7.76
C TYR A 34 -30.85 9.52 -8.11
N ASP A 35 -31.15 9.50 -9.40
CA ASP A 35 -32.53 9.62 -9.87
CA ASP A 35 -32.53 9.60 -9.86
C ASP A 35 -32.89 8.38 -10.68
N PRO A 36 -33.82 7.56 -10.15
CA PRO A 36 -34.23 6.30 -10.78
C PRO A 36 -35.09 6.49 -12.04
N THR A 37 -35.31 7.73 -12.48
CA THR A 37 -36.17 7.95 -13.64
C THR A 37 -35.39 7.80 -14.94
N ARG A 38 -34.07 7.83 -14.84
CA ARG A 38 -33.22 7.71 -16.01
C ARG A 38 -32.31 6.48 -15.89
N PRO A 39 -32.01 5.85 -17.03
CA PRO A 39 -31.09 4.71 -17.03
C PRO A 39 -29.68 5.20 -16.75
N PHE A 40 -28.83 4.31 -16.26
CA PHE A 40 -27.43 4.62 -16.05
C PHE A 40 -26.70 4.74 -17.38
N SER A 41 -25.78 5.69 -17.47
CA SER A 41 -24.78 5.70 -18.52
C SER A 41 -23.43 5.81 -17.84
N GLU A 42 -22.35 5.63 -18.60
CA GLU A 42 -21.03 5.86 -18.05
C GLU A 42 -20.95 7.25 -17.45
N ALA A 43 -21.39 8.25 -18.22
CA ALA A 43 -21.28 9.64 -17.79
C ALA A 43 -22.13 9.95 -16.56
N SER A 44 -23.34 9.41 -16.50
CA SER A 44 -24.22 9.71 -15.38
C SER A 44 -23.77 9.01 -14.09
N MET A 45 -23.24 7.79 -14.21
CA MET A 45 -22.71 7.12 -13.02
C MET A 45 -21.49 7.86 -12.48
N MET A 46 -20.58 8.22 -13.38
CA MET A 46 -19.41 9.00 -12.97
C MET A 46 -19.84 10.35 -12.35
N GLY A 47 -20.88 10.96 -12.90
CA GLY A 47 -21.41 12.19 -12.33
C GLY A 47 -21.90 12.01 -10.90
N LEU A 48 -22.65 10.94 -10.65
CA LEU A 48 -23.10 10.63 -9.30
C LEU A 48 -21.95 10.43 -8.34
N LEU A 49 -20.95 9.65 -8.78
CA LEU A 49 -19.81 9.33 -7.93
C LEU A 49 -18.93 10.53 -7.63
N THR A 50 -18.66 11.36 -8.64
CA THR A 50 -17.82 12.53 -8.40
C THR A 50 -18.54 13.55 -7.53
N ASN A 51 -19.85 13.71 -7.74
CA ASN A 51 -20.63 14.60 -6.90
CA ASN A 51 -20.61 14.61 -6.89
C ASN A 51 -20.65 14.12 -5.44
N LEU A 52 -20.81 12.81 -5.25
CA LEU A 52 -20.75 12.23 -3.90
C LEU A 52 -19.37 12.46 -3.27
N ALA A 53 -18.31 12.21 -4.02
CA ALA A 53 -16.96 12.41 -3.50
C ALA A 53 -16.75 13.86 -3.07
N ASP A 54 -17.22 14.79 -3.88
CA ASP A 54 -17.08 16.20 -3.58
CA ASP A 54 -17.12 16.22 -3.59
C ASP A 54 -17.75 16.56 -2.26
N ARG A 55 -18.94 16.03 -2.02
CA ARG A 55 -19.61 16.31 -0.76
CA ARG A 55 -19.67 16.23 -0.76
C ARG A 55 -18.93 15.57 0.39
N GLU A 56 -18.50 14.33 0.17
CA GLU A 56 -17.75 13.62 1.23
C GLU A 56 -16.45 14.33 1.59
N LEU A 57 -15.77 14.90 0.60
CA LEU A 57 -14.51 15.60 0.85
C LEU A 57 -14.65 16.79 1.82
N VAL A 58 -15.74 17.56 1.70
CA VAL A 58 -15.94 18.66 2.63
C VAL A 58 -16.04 18.16 4.07
N HIS A 59 -16.79 17.08 4.28
CA HIS A 59 -16.91 16.51 5.61
C HIS A 59 -15.58 15.92 6.08
N MET A 60 -14.81 15.37 5.14
CA MET A 60 -13.50 14.79 5.47
C MET A 60 -12.54 15.86 5.96
N ILE A 61 -12.52 16.99 5.28
CA ILE A 61 -11.63 18.07 5.63
C ILE A 61 -11.87 18.50 7.07
N ASN A 62 -13.14 18.54 7.46
CA ASN A 62 -13.50 18.93 8.82
C ASN A 62 -13.30 17.82 9.84
N TRP A 63 -13.48 16.58 9.42
CA TRP A 63 -13.10 15.43 10.23
C TRP A 63 -11.61 15.45 10.52
N ALA A 64 -10.81 15.72 9.49
CA ALA A 64 -9.35 15.69 9.65
C ALA A 64 -8.91 16.66 10.73
N LYS A 65 -9.54 17.83 10.78
CA LYS A 65 -9.20 18.84 11.78
C LYS A 65 -9.44 18.33 13.20
N ARG A 66 -10.29 17.32 13.33
CA ARG A 66 -10.62 16.77 14.64
C ARG A 66 -9.78 15.54 15.01
N VAL A 67 -8.91 15.12 14.10
CA VAL A 67 -7.99 14.03 14.40
C VAL A 67 -6.84 14.56 15.25
N PRO A 68 -6.72 14.07 16.49
CA PRO A 68 -5.69 14.56 17.40
C PRO A 68 -4.33 14.70 16.71
N GLY A 69 -3.71 15.87 16.85
CA GLY A 69 -2.40 16.10 16.27
C GLY A 69 -2.41 16.82 14.94
N PHE A 70 -3.47 16.60 14.16
CA PHE A 70 -3.52 17.15 12.82
C PHE A 70 -3.43 18.68 12.78
N VAL A 71 -4.22 19.37 13.60
CA VAL A 71 -4.18 20.83 13.60
C VAL A 71 -2.87 21.41 14.14
N ASP A 72 -2.01 20.53 14.66
CA ASP A 72 -0.71 20.98 15.17
C ASP A 72 0.27 21.24 14.02
N LEU A 73 -0.10 20.81 12.82
CA LEU A 73 0.75 20.95 11.65
C LEU A 73 0.50 22.28 10.91
N THR A 74 1.46 22.70 10.10
CA THR A 74 1.28 23.88 9.26
C THR A 74 0.23 23.58 8.19
N LEU A 75 -0.40 24.63 7.65
CA LEU A 75 -1.40 24.42 6.61
C LEU A 75 -0.84 23.67 5.41
N HIS A 76 0.44 23.85 5.14
CA HIS A 76 1.06 23.18 3.99
C HIS A 76 1.16 21.68 4.24
N ASP A 77 1.44 21.30 5.47
CA ASP A 77 1.53 19.89 5.82
C ASP A 77 0.16 19.25 5.89
N GLN A 78 -0.82 19.99 6.41
CA GLN A 78 -2.20 19.52 6.39
C GLN A 78 -2.66 19.30 4.97
N VAL A 79 -2.38 20.25 4.09
CA VAL A 79 -2.76 20.14 2.70
C VAL A 79 -2.11 18.90 2.09
N HIS A 80 -0.83 18.72 2.37
CA HIS A 80 -0.09 17.60 1.81
C HIS A 80 -0.66 16.24 2.24
N LEU A 81 -0.92 16.07 3.53
CA LEU A 81 -1.45 14.80 4.02
C LEU A 81 -2.80 14.47 3.40
N LEU A 82 -3.70 15.45 3.37
CA LEU A 82 -5.01 15.25 2.80
C LEU A 82 -4.92 15.00 1.30
N GLU A 83 -4.03 15.74 0.63
CA GLU A 83 -3.84 15.55 -0.80
C GLU A 83 -3.40 14.13 -1.10
N ALA A 85 -3.78 11.38 0.86
CA ALA A 85 -4.62 10.31 1.41
C ALA A 85 -6.11 10.35 1.07
N TRP A 86 -6.58 11.41 0.41
CA TRP A 86 -8.02 11.62 0.29
C TRP A 86 -8.79 10.42 -0.27
N LEU A 87 -8.27 9.80 -1.32
CA LEU A 87 -8.99 8.70 -1.96
C LEU A 87 -8.92 7.42 -1.13
N GLU A 88 -7.79 7.19 -0.48
CA GLU A 88 -7.66 6.06 0.45
C GLU A 88 -8.70 6.19 1.56
N ILE A 89 -8.86 7.40 2.06
CA ILE A 89 -9.82 7.66 3.13
C ILE A 89 -11.26 7.46 2.63
N LEU A 90 -11.58 7.95 1.44
CA LEU A 90 -12.91 7.71 0.88
C LEU A 90 -13.15 6.21 0.75
N MET A 91 -12.16 5.49 0.23
CA MET A 91 -12.28 4.06 -0.01
C MET A 91 -12.44 3.24 1.27
N ILE A 92 -11.65 3.53 2.30
CA ILE A 92 -11.80 2.74 3.52
C ILE A 92 -13.19 2.96 4.11
N GLY A 93 -13.68 4.20 4.00
CA GLY A 93 -15.03 4.51 4.44
C GLY A 93 -16.09 3.74 3.66
N LEU A 94 -15.94 3.67 2.35
CA LEU A 94 -16.85 2.90 1.51
C LEU A 94 -16.83 1.42 1.89
N VAL A 95 -15.63 0.89 2.06
CA VAL A 95 -15.48 -0.52 2.37
C VAL A 95 -16.14 -0.84 3.72
N TRP A 96 -15.94 0.05 4.69
CA TRP A 96 -16.58 -0.09 5.99
C TRP A 96 -18.11 -0.08 5.87
N ARG A 97 -18.66 0.93 5.19
CA ARG A 97 -20.11 1.01 4.95
C ARG A 97 -20.65 -0.25 4.29
N SER A 98 -19.82 -0.90 3.48
CA SER A 98 -20.29 -1.98 2.63
C SER A 98 -20.17 -3.37 3.28
N MET A 99 -19.63 -3.41 4.50
CA MET A 99 -19.37 -4.69 5.15
C MET A 99 -20.59 -5.60 5.25
N GLU A 100 -21.73 -5.01 5.62
CA GLU A 100 -22.95 -5.78 5.80
C GLU A 100 -23.73 -5.98 4.49
N HIS A 101 -23.05 -5.78 3.36
CA HIS A 101 -23.69 -5.97 2.06
C HIS A 101 -22.78 -6.75 1.12
N PRO A 102 -22.60 -8.05 1.39
CA PRO A 102 -21.71 -8.87 0.56
C PRO A 102 -22.07 -8.73 -0.91
N GLY A 103 -21.05 -8.56 -1.75
CA GLY A 103 -21.27 -8.45 -3.19
C GLY A 103 -21.66 -7.07 -3.66
N LYS A 104 -21.83 -6.12 -2.73
CA LYS A 104 -22.23 -4.77 -3.11
C LYS A 104 -21.40 -3.68 -2.43
N LEU A 105 -21.39 -2.51 -3.05
CA LEU A 105 -20.72 -1.33 -2.50
C LEU A 105 -21.76 -0.26 -2.15
N LEU A 106 -21.81 0.08 -0.86
CA LEU A 106 -22.79 1.05 -0.38
C LEU A 106 -22.22 2.46 -0.47
N PHE A 107 -22.20 3.00 -1.67
CA PHE A 107 -21.71 4.37 -1.88
C PHE A 107 -22.56 5.32 -1.06
N ALA A 108 -23.86 5.08 -1.06
CA ALA A 108 -24.80 5.85 -0.27
C ALA A 108 -26.00 4.94 0.01
N PRO A 109 -26.86 5.32 0.97
CA PRO A 109 -28.03 4.50 1.27
C PRO A 109 -28.96 4.36 0.05
N ASN A 110 -28.94 5.35 -0.82
CA ASN A 110 -29.74 5.30 -2.04
C ASN A 110 -28.90 5.00 -3.28
N LEU A 111 -27.71 4.47 -3.05
CA LEU A 111 -26.81 4.11 -4.14
C LEU A 111 -25.96 2.89 -3.76
N LEU A 112 -26.56 1.72 -3.90
CA LEU A 112 -25.91 0.45 -3.56
C LEU A 112 -25.68 -0.32 -4.84
N LEU A 113 -24.42 -0.47 -5.25
CA LEU A 113 -24.11 -1.02 -6.56
C LEU A 113 -23.37 -2.35 -6.49
N ASP A 114 -23.67 -3.26 -7.40
CA ASP A 114 -22.94 -4.51 -7.52
C ASP A 114 -21.91 -4.42 -8.64
N ARG A 115 -21.07 -5.45 -8.80
CA ARG A 115 -19.98 -5.37 -9.76
C ARG A 115 -20.49 -5.22 -11.19
N ASN A 116 -21.64 -5.82 -11.49
CA ASN A 116 -22.21 -5.70 -12.82
C ASN A 116 -22.54 -4.25 -13.17
N GLN A 117 -23.03 -3.50 -12.20
CA GLN A 117 -23.30 -2.08 -12.43
C GLN A 117 -22.00 -1.28 -12.57
N GLY A 118 -20.93 -1.77 -11.95
CA GLY A 118 -19.62 -1.17 -12.10
C GLY A 118 -19.15 -1.18 -13.54
N LYS A 119 -19.53 -2.22 -14.27
CA LYS A 119 -19.15 -2.36 -15.67
C LYS A 119 -19.64 -1.20 -16.55
N CYS A 120 -20.60 -0.44 -16.04
CA CYS A 120 -21.13 0.70 -16.79
CA CYS A 120 -21.14 0.70 -16.78
C CYS A 120 -20.03 1.68 -17.14
N VAL A 121 -19.01 1.77 -16.30
CA VAL A 121 -17.91 2.69 -16.53
C VAL A 121 -16.64 1.94 -16.94
N GLU A 122 -16.03 2.37 -18.03
CA GLU A 122 -14.80 1.74 -18.51
C GLU A 122 -13.74 1.73 -17.41
N GLY A 123 -13.13 0.57 -17.19
CA GLY A 123 -12.08 0.42 -16.19
C GLY A 123 -12.53 0.40 -14.74
N MET A 124 -13.84 0.54 -14.52
CA MET A 124 -14.33 0.67 -13.16
C MET A 124 -14.50 -0.66 -12.42
N VAL A 125 -14.89 -1.71 -13.14
CA VAL A 125 -15.22 -2.97 -12.48
C VAL A 125 -14.00 -3.57 -11.78
N GLU A 126 -12.82 -3.32 -12.34
CA GLU A 126 -11.56 -3.77 -11.75
C GLU A 126 -11.39 -3.16 -10.35
N ILE A 127 -11.73 -1.89 -10.22
CA ILE A 127 -11.64 -1.22 -8.93
C ILE A 127 -12.74 -1.72 -7.99
N PHE A 128 -13.97 -1.83 -8.48
CA PHE A 128 -15.05 -2.46 -7.72
C PHE A 128 -14.60 -3.81 -7.15
N ASP A 129 -14.00 -4.66 -7.97
CA ASP A 129 -13.60 -5.99 -7.51
C ASP A 129 -12.63 -5.92 -6.33
N MET A 130 -11.68 -5.00 -6.38
CA MET A 130 -10.70 -4.87 -5.28
C MET A 130 -11.36 -4.38 -3.99
N LEU A 131 -12.28 -3.42 -4.13
CA LEU A 131 -13.01 -2.90 -2.98
C LEU A 131 -13.90 -3.96 -2.35
N LEU A 132 -14.58 -4.74 -3.19
CA LEU A 132 -15.39 -5.86 -2.69
C LEU A 132 -14.53 -6.91 -1.97
N ALA A 133 -13.35 -7.19 -2.48
CA ALA A 133 -12.45 -8.15 -1.83
C ALA A 133 -11.97 -7.62 -0.48
N THR A 134 -11.84 -6.29 -0.40
CA THR A 134 -11.41 -5.65 0.84
C THR A 134 -12.52 -5.69 1.87
N SER A 135 -13.76 -5.50 1.41
CA SER A 135 -14.92 -5.56 2.29
CA SER A 135 -14.90 -5.56 2.31
C SER A 135 -15.09 -6.99 2.80
N SER A 136 -14.85 -7.95 1.92
CA SER A 136 -14.88 -9.36 2.30
CA SER A 136 -14.89 -9.35 2.31
C SER A 136 -13.84 -9.65 3.39
N ARG A 137 -12.65 -9.06 3.25
CA ARG A 137 -11.58 -9.23 4.23
C ARG A 137 -11.97 -8.67 5.60
N PHE A 138 -12.56 -7.47 5.60
CA PHE A 138 -13.11 -6.86 6.83
C PHE A 138 -14.11 -7.80 7.49
N ARG A 139 -15.02 -8.36 6.70
CA ARG A 139 -15.98 -9.34 7.24
C ARG A 139 -15.26 -10.54 7.83
N MET A 140 -14.34 -11.11 7.07
CA MET A 140 -13.57 -12.25 7.55
C MET A 140 -12.93 -11.97 8.89
N MET A 141 -12.48 -10.73 9.09
CA MET A 141 -11.76 -10.36 10.32
C MET A 141 -12.68 -9.84 11.42
N ASN A 142 -13.95 -9.64 11.10
CA ASN A 142 -14.89 -9.02 12.03
CA ASN A 142 -14.88 -9.02 12.05
C ASN A 142 -14.39 -7.66 12.49
N LEU A 143 -13.93 -6.85 11.54
CA LEU A 143 -13.43 -5.52 11.85
C LEU A 143 -14.41 -4.74 12.72
N GLN A 144 -13.91 -4.16 13.80
CA GLN A 144 -14.72 -3.36 14.72
C GLN A 144 -14.72 -1.87 14.35
N GLY A 145 -15.83 -1.20 14.68
CA GLY A 145 -15.94 0.24 14.47
C GLY A 145 -14.82 1.04 15.11
N GLU A 146 -14.42 0.67 16.32
CA GLU A 146 -13.32 1.36 16.99
C GLU A 146 -11.99 1.14 16.26
N GLU A 147 -11.81 -0.06 15.69
CA GLU A 147 -10.60 -0.36 14.93
C GLU A 147 -10.62 0.40 13.61
N PHE A 148 -11.79 0.42 12.96
CA PHE A 148 -11.94 1.16 11.72
C PHE A 148 -11.50 2.62 11.88
N VAL A 149 -11.99 3.31 12.91
CA VAL A 149 -11.62 4.73 13.03
C VAL A 149 -10.13 4.95 13.29
N CYS A 150 -9.49 4.03 14.00
CA CYS A 150 -8.04 4.11 14.17
C CYS A 150 -7.34 3.98 12.83
N LEU A 151 -7.79 3.01 12.03
CA LEU A 151 -7.17 2.74 10.74
C LEU A 151 -7.31 3.93 9.82
N LYS A 152 -8.48 4.56 9.85
CA LYS A 152 -8.71 5.71 8.98
C LYS A 152 -7.78 6.86 9.37
N SER A 153 -7.57 7.06 10.67
CA SER A 153 -6.65 8.12 11.10
C SER A 153 -5.19 7.81 10.79
N ILE A 154 -4.82 6.53 10.87
CA ILE A 154 -3.48 6.11 10.48
C ILE A 154 -3.21 6.46 9.01
N ILE A 155 -4.17 6.18 8.15
CA ILE A 155 -4.03 6.51 6.73
C ILE A 155 -3.75 8.00 6.55
N LEU A 156 -4.53 8.84 7.23
CA LEU A 156 -4.38 10.29 7.14
C LEU A 156 -2.95 10.74 7.50
N LEU A 157 -2.47 10.25 8.63
CA LEU A 157 -1.15 10.68 9.10
C LEU A 157 0.02 9.99 8.39
N ASN A 158 -0.21 8.77 7.91
CA ASN A 158 0.91 7.99 7.34
C ASN A 158 1.19 8.19 5.86
N SER A 159 0.14 8.28 5.06
CA SER A 159 0.32 8.13 3.61
C SER A 159 1.29 9.15 3.00
N GLY A 160 1.22 10.39 3.44
CA GLY A 160 2.12 11.40 2.93
C GLY A 160 3.30 11.74 3.83
N VAL A 161 3.47 10.98 4.91
CA VAL A 161 4.50 11.34 5.89
C VAL A 161 5.92 11.16 5.33
N TYR A 162 6.10 10.20 4.43
CA TYR A 162 7.42 9.91 3.86
CA TYR A 162 7.42 9.93 3.86
C TYR A 162 7.74 10.81 2.67
N THR A 163 6.87 11.77 2.39
CA THR A 163 7.09 12.67 1.27
C THR A 163 7.18 14.13 1.75
N PHE A 164 7.52 14.31 3.02
CA PHE A 164 7.74 15.64 3.56
C PHE A 164 8.99 16.27 2.97
N GLU A 173 11.03 17.22 12.96
CA GLU A 173 10.25 17.67 14.11
C GLU A 173 8.75 17.50 13.85
N GLU A 174 8.28 18.01 12.72
CA GLU A 174 6.90 17.79 12.33
C GLU A 174 6.70 16.29 12.08
N LYS A 175 7.65 15.71 11.37
CA LYS A 175 7.64 14.27 11.11
C LYS A 175 7.68 13.49 12.42
N ASP A 176 8.51 13.94 13.35
CA ASP A 176 8.64 13.28 14.63
C ASP A 176 7.32 13.33 15.39
N HIS A 177 6.63 14.47 15.28
CA HIS A 177 5.34 14.62 15.95
C HIS A 177 4.32 13.66 15.37
N ILE A 178 4.29 13.57 14.04
CA ILE A 178 3.41 12.65 13.34
C ILE A 178 3.66 11.22 13.78
N HIS A 179 4.92 10.84 13.92
CA HIS A 179 5.23 9.47 14.31
C HIS A 179 4.83 9.21 15.75
N ARG A 180 4.89 10.24 16.60
CA ARG A 180 4.43 10.12 17.97
C ARG A 180 2.91 9.90 18.03
N VAL A 181 2.18 10.59 17.15
CA VAL A 181 0.74 10.39 17.11
C VAL A 181 0.43 8.99 16.60
N LEU A 182 1.15 8.56 15.56
CA LEU A 182 0.96 7.23 15.03
C LEU A 182 1.22 6.14 16.08
N ASP A 183 2.28 6.30 16.88
CA ASP A 183 2.58 5.34 17.95
C ASP A 183 1.41 5.31 18.93
N LYS A 184 0.88 6.48 19.26
CA LYS A 184 -0.26 6.57 20.15
C LYS A 184 -1.47 5.82 19.61
N ILE A 185 -1.68 5.86 18.30
CA ILE A 185 -2.80 5.12 17.71
C ILE A 185 -2.54 3.62 17.74
N THR A 186 -1.27 3.23 17.62
CA THR A 186 -0.92 1.82 17.78
C THR A 186 -1.25 1.36 19.20
N ASP A 187 -0.83 2.13 20.20
CA ASP A 187 -1.16 1.79 21.59
C ASP A 187 -2.68 1.62 21.72
N THR A 188 -3.41 2.50 21.06
CA THR A 188 -4.87 2.52 21.12
C THR A 188 -5.47 1.25 20.52
N LEU A 189 -4.99 0.82 19.36
CA LEU A 189 -5.45 -0.42 18.74
C LEU A 189 -5.19 -1.63 19.62
N ILE A 190 -3.98 -1.69 20.19
CA ILE A 190 -3.62 -2.78 21.10
C ILE A 190 -4.54 -2.78 22.31
N HIS A 191 -4.79 -1.60 22.87
CA HIS A 191 -5.69 -1.43 23.99
C HIS A 191 -7.08 -1.97 23.67
N LEU A 192 -7.59 -1.63 22.48
CA LEU A 192 -8.89 -2.12 22.05
C LEU A 192 -8.93 -3.64 21.96
N MET A 193 -7.90 -4.24 21.36
CA MET A 193 -7.85 -5.69 21.22
C MET A 193 -7.76 -6.40 22.57
N ALA A 194 -6.94 -5.86 23.46
CA ALA A 194 -6.81 -6.41 24.80
C ALA A 194 -8.16 -6.35 25.55
N LYS A 195 -8.81 -5.19 25.50
CA LYS A 195 -10.12 -5.04 26.14
C LYS A 195 -11.14 -6.00 25.55
N ALA A 196 -10.93 -6.38 24.29
CA ALA A 196 -11.84 -7.30 23.62
C ALA A 196 -11.55 -8.76 23.97
N GLY A 197 -10.50 -9.00 24.75
CA GLY A 197 -10.20 -10.34 25.22
C GLY A 197 -9.21 -11.13 24.37
N LEU A 198 -8.57 -10.47 23.41
CA LEU A 198 -7.58 -11.14 22.58
C LEU A 198 -6.32 -11.43 23.38
N THR A 199 -5.72 -12.59 23.14
CA THR A 199 -4.48 -12.94 23.79
C THR A 199 -3.37 -12.04 23.27
N LEU A 200 -2.25 -11.99 24.00
CA LEU A 200 -1.12 -11.18 23.60
C LEU A 200 -0.64 -11.54 22.19
N GLN A 201 -0.53 -12.84 21.92
CA GLN A 201 -0.14 -13.29 20.58
C GLN A 201 -1.17 -12.85 19.51
N GLN A 202 -2.46 -13.04 19.80
CA GLN A 202 -3.50 -12.60 18.86
C GLN A 202 -3.45 -11.10 18.64
N GLN A 203 -3.02 -10.37 19.66
CA GLN A 203 -2.87 -8.92 19.57
C GLN A 203 -1.91 -8.48 18.46
N HIS A 204 -0.67 -8.99 18.47
CA HIS A 204 0.30 -8.63 17.42
CA HIS A 204 0.24 -8.57 17.42
C HIS A 204 -0.12 -9.15 16.05
N GLN A 205 -0.71 -10.34 16.04
CA GLN A 205 -1.13 -10.94 14.77
C GLN A 205 -2.22 -10.11 14.10
N ARG A 206 -3.22 -9.70 14.88
CA ARG A 206 -4.31 -8.90 14.36
C ARG A 206 -3.83 -7.51 13.97
N LEU A 207 -2.96 -6.91 14.79
CA LEU A 207 -2.40 -5.60 14.46
C LEU A 207 -1.75 -5.65 13.09
N ALA A 208 -0.99 -6.71 12.84
CA ALA A 208 -0.33 -6.87 11.54
C ALA A 208 -1.33 -7.08 10.41
N GLN A 209 -2.35 -7.90 10.64
CA GLN A 209 -3.37 -8.15 9.62
C GLN A 209 -4.06 -6.83 9.23
N LEU A 210 -4.38 -6.01 10.23
CA LEU A 210 -5.05 -4.75 9.98
C LEU A 210 -4.17 -3.78 9.20
N LEU A 211 -2.90 -3.67 9.59
CA LEU A 211 -1.99 -2.73 8.94
C LEU A 211 -1.64 -3.17 7.53
N LEU A 212 -1.62 -4.47 7.29
CA LEU A 212 -1.35 -4.97 5.95
C LEU A 212 -2.47 -4.67 4.96
N ILE A 213 -3.69 -4.48 5.47
CA ILE A 213 -4.81 -4.04 4.63
C ILE A 213 -4.51 -2.67 4.01
N LEU A 214 -3.76 -1.85 4.75
CA LEU A 214 -3.44 -0.50 4.31
C LEU A 214 -2.58 -0.50 3.05
N SER A 215 -1.84 -1.58 2.82
CA SER A 215 -1.08 -1.74 1.58
C SER A 215 -2.03 -1.92 0.40
N HIS A 216 -3.09 -2.66 0.63
CA HIS A 216 -4.08 -2.92 -0.40
CA HIS A 216 -4.09 -2.92 -0.39
C HIS A 216 -4.91 -1.66 -0.67
N ILE A 217 -5.20 -0.90 0.39
CA ILE A 217 -5.94 0.34 0.23
C ILE A 217 -5.09 1.37 -0.53
N ARG A 218 -3.80 1.42 -0.26
CA ARG A 218 -2.91 2.27 -1.06
C ARG A 218 -2.95 1.88 -2.54
N HIS A 219 -2.87 0.59 -2.81
CA HIS A 219 -2.92 0.08 -4.17
C HIS A 219 -4.20 0.52 -4.87
N MET A 220 -5.35 0.27 -4.24
CA MET A 220 -6.63 0.65 -4.82
C MET A 220 -6.70 2.14 -5.08
N SER A 221 -6.22 2.95 -4.14
CA SER A 221 -6.19 4.40 -4.33
C SER A 221 -5.36 4.78 -5.57
N ASN A 222 -4.17 4.19 -5.70
CA ASN A 222 -3.33 4.43 -6.87
C ASN A 222 -4.03 4.10 -8.19
N LYS A 223 -4.72 2.96 -8.24
CA LYS A 223 -5.47 2.58 -9.43
C LYS A 223 -6.67 3.50 -9.64
N GLY A 224 -7.30 3.92 -8.55
CA GLY A 224 -8.43 4.84 -8.64
C GLY A 224 -7.99 6.20 -9.15
N MET A 225 -6.80 6.63 -8.76
CA MET A 225 -6.29 7.91 -9.23
C MET A 225 -6.00 7.87 -10.73
N GLU A 226 -5.45 6.75 -11.20
CA GLU A 226 -5.23 6.58 -12.63
CA GLU A 226 -5.22 6.53 -12.63
C GLU A 226 -6.55 6.53 -13.38
N HIS A 227 -7.56 5.88 -12.78
CA HIS A 227 -8.88 5.83 -13.40
C HIS A 227 -9.52 7.22 -13.48
N LEU A 228 -9.44 7.97 -12.39
CA LEU A 228 -10.01 9.31 -12.38
C LEU A 228 -9.33 10.20 -13.41
N TYR A 229 -8.01 10.08 -13.50
CA TYR A 229 -7.24 10.82 -14.50
C TYR A 229 -7.70 10.48 -15.92
N SER A 230 -8.02 9.21 -16.15
CA SER A 230 -8.47 8.77 -17.46
CA SER A 230 -8.48 8.76 -17.46
C SER A 230 -9.84 9.37 -17.81
N MET A 231 -10.74 9.42 -16.83
CA MET A 231 -12.07 10.00 -17.03
C MET A 231 -11.96 11.49 -17.37
N LYS A 232 -11.08 12.19 -16.66
CA LYS A 232 -10.80 13.59 -16.96
C LYS A 232 -10.27 13.77 -18.39
N LYS A 234 -10.61 12.04 -20.94
CA LYS A 234 -11.57 11.67 -21.98
C LYS A 234 -12.84 12.52 -21.88
N ASN A 235 -12.81 13.55 -21.05
CA ASN A 235 -13.97 14.43 -20.88
C ASN A 235 -15.27 13.71 -20.56
N VAL A 236 -15.19 12.68 -19.72
CA VAL A 236 -16.39 11.91 -19.38
C VAL A 236 -17.33 12.67 -18.45
N VAL A 237 -16.75 13.42 -17.53
CA VAL A 237 -17.53 14.11 -16.53
C VAL A 237 -16.79 15.39 -16.14
N PRO A 238 -17.55 16.45 -15.86
CA PRO A 238 -16.91 17.66 -15.37
C PRO A 238 -16.47 17.45 -13.93
N LEU A 239 -15.19 17.66 -13.63
CA LEU A 239 -14.72 17.57 -12.26
C LEU A 239 -14.75 18.95 -11.61
N SER A 240 -15.23 19.02 -10.37
CA SER A 240 -15.19 20.26 -9.61
C SER A 240 -13.74 20.72 -9.43
N ASP A 241 -13.57 21.99 -9.06
CA ASP A 241 -12.24 22.56 -8.85
C ASP A 241 -11.49 21.82 -7.73
N LEU A 242 -12.23 21.42 -6.69
CA LEU A 242 -11.62 20.69 -5.59
C LEU A 242 -11.03 19.37 -6.07
N LEU A 243 -11.83 18.61 -6.81
CA LEU A 243 -11.40 17.30 -7.29
C LEU A 243 -10.22 17.44 -8.26
N LEU A 244 -10.29 18.44 -9.13
CA LEU A 244 -9.19 18.70 -10.07
C LEU A 244 -7.87 18.97 -9.33
N GLU A 245 -7.95 19.71 -8.24
CA GLU A 245 -6.75 20.01 -7.46
C GLU A 245 -6.28 18.78 -6.65
N MET A 246 -7.22 18.00 -6.14
CA MET A 246 -6.87 16.78 -5.42
C MET A 246 -6.21 15.79 -6.38
N LEU A 247 -6.71 15.74 -7.61
CA LEU A 247 -6.16 14.84 -8.61
C LEU A 247 -4.80 15.34 -9.07
N ASP A 248 -4.69 16.64 -9.29
CA ASP A 248 -3.46 17.28 -9.75
C ASP A 248 -2.30 17.08 -8.77
N ALA A 249 -2.63 16.99 -7.48
CA ALA A 249 -1.61 16.78 -6.46
C ALA A 249 -0.83 15.49 -6.68
N HIS A 250 -1.43 14.55 -7.38
CA HIS A 250 -0.77 13.26 -7.60
C HIS A 250 0.01 13.23 -8.90
N ARG A 251 -0.05 14.33 -9.64
CA ARG A 251 0.79 14.56 -10.81
C ARG A 251 0.91 13.32 -11.71
N LEU A 252 -0.21 12.84 -12.22
CA LEU A 252 -0.21 11.69 -13.12
C LEU A 252 0.15 12.11 -14.55
N SER B 8 2.93 -29.32 5.52
CA SER B 8 3.61 -28.04 5.33
C SER B 8 4.54 -27.74 6.50
N LEU B 9 5.84 -27.73 6.22
CA LEU B 9 6.83 -27.43 7.25
C LEU B 9 6.64 -26.01 7.78
N ALA B 10 6.16 -25.12 6.90
CA ALA B 10 6.03 -23.70 7.22
C ALA B 10 5.43 -23.44 8.60
N LEU B 11 4.23 -23.95 8.83
CA LEU B 11 3.50 -23.66 10.05
C LEU B 11 4.12 -24.29 11.29
N SER B 12 5.10 -25.18 11.10
CA SER B 12 5.73 -25.85 12.23
C SER B 12 7.10 -25.26 12.58
N LEU B 13 7.57 -24.31 11.78
CA LEU B 13 8.86 -23.66 12.03
C LEU B 13 8.80 -22.80 13.29
N THR B 14 9.90 -22.76 14.02
CA THR B 14 10.02 -21.84 15.16
C THR B 14 10.46 -20.48 14.64
N ALA B 15 10.38 -19.47 15.49
CA ALA B 15 10.82 -18.13 15.13
C ALA B 15 12.27 -18.15 14.62
N ASP B 16 13.16 -18.79 15.39
CA ASP B 16 14.55 -18.86 14.99
C ASP B 16 14.73 -19.63 13.69
N GLN B 17 13.93 -20.67 13.50
CA GLN B 17 13.98 -21.47 12.26
C GLN B 17 13.50 -20.67 11.04
N MET B 18 12.50 -19.81 11.24
CA MET B 18 12.01 -18.95 10.17
C MET B 18 13.11 -17.98 9.71
N VAL B 19 13.71 -17.27 10.66
CA VAL B 19 14.80 -16.35 10.38
C VAL B 19 15.94 -17.03 9.62
N SER B 20 16.34 -18.21 10.09
CA SER B 20 17.43 -18.94 9.44
CA SER B 20 17.42 -18.96 9.45
C SER B 20 17.07 -19.31 8.01
N ALA B 21 15.84 -19.76 7.80
CA ALA B 21 15.37 -20.10 6.46
C ALA B 21 15.42 -18.88 5.55
N LEU B 22 14.94 -17.75 6.05
CA LEU B 22 14.90 -16.53 5.24
C LEU B 22 16.30 -15.97 4.97
N LEU B 23 17.19 -16.02 5.96
CA LEU B 23 18.56 -15.57 5.75
C LEU B 23 19.27 -16.44 4.70
N ASP B 24 19.00 -17.74 4.75
CA ASP B 24 19.66 -18.68 3.84
C ASP B 24 19.11 -18.57 2.42
N ALA B 25 17.86 -18.13 2.30
CA ALA B 25 17.21 -17.99 1.00
C ALA B 25 17.68 -16.75 0.22
N GLU B 26 18.35 -15.83 0.90
CA GLU B 26 18.70 -14.54 0.30
C GLU B 26 19.41 -14.64 -1.04
N PRO B 27 18.95 -13.87 -2.03
CA PRO B 27 19.64 -13.84 -3.32
C PRO B 27 20.98 -13.12 -3.23
N PRO B 28 21.85 -13.32 -4.21
CA PRO B 28 23.14 -12.63 -4.22
C PRO B 28 23.02 -11.18 -4.67
N ILE B 29 24.00 -10.35 -4.31
CA ILE B 29 24.05 -8.98 -4.81
C ILE B 29 24.80 -8.99 -6.14
N LEU B 30 24.11 -8.56 -7.20
CA LEU B 30 24.68 -8.61 -8.54
C LEU B 30 25.49 -7.36 -8.86
N TYR B 31 26.40 -7.48 -9.81
CA TYR B 31 27.13 -6.33 -10.32
C TYR B 31 26.49 -5.86 -11.61
N SER B 32 26.71 -4.59 -11.93
CA SER B 32 26.28 -4.03 -13.20
C SER B 32 27.41 -4.22 -14.20
N GLU B 33 27.07 -4.19 -15.49
CA GLU B 33 28.09 -4.25 -16.53
C GLU B 33 28.63 -2.84 -16.77
N TYR B 34 28.16 -1.91 -15.96
CA TYR B 34 28.51 -0.50 -16.07
C TYR B 34 30.00 -0.24 -16.26
N ASP B 35 30.32 0.47 -17.35
CA ASP B 35 31.67 0.96 -17.60
C ASP B 35 31.80 2.36 -17.02
N PRO B 36 32.55 2.48 -15.90
CA PRO B 36 32.65 3.72 -15.12
C PRO B 36 33.41 4.85 -15.82
N THR B 37 34.00 4.55 -16.97
CA THR B 37 34.78 5.54 -17.71
C THR B 37 33.91 6.33 -18.68
N ARG B 38 32.68 5.89 -18.89
CA ARG B 38 31.78 6.51 -19.85
C ARG B 38 30.59 7.20 -19.18
N PRO B 39 30.33 8.46 -19.56
CA PRO B 39 29.24 9.28 -19.03
C PRO B 39 27.86 8.64 -19.28
N PHE B 40 26.87 9.01 -18.46
CA PHE B 40 25.53 8.47 -18.61
C PHE B 40 24.70 9.22 -19.63
N SER B 41 23.90 8.47 -20.39
CA SER B 41 22.83 9.04 -21.20
C SER B 41 21.54 8.39 -20.71
N GLU B 42 20.41 8.96 -21.07
CA GLU B 42 19.13 8.41 -20.64
C GLU B 42 18.99 6.97 -21.09
N ALA B 43 19.44 6.69 -22.31
CA ALA B 43 19.37 5.34 -22.86
C ALA B 43 20.32 4.40 -22.14
N SER B 44 21.54 4.86 -21.86
CA SER B 44 22.54 4.02 -21.20
CA SER B 44 22.53 4.01 -21.21
C SER B 44 22.09 3.62 -19.80
N MET B 45 21.66 4.60 -19.01
CA MET B 45 21.22 4.35 -17.64
C MET B 45 20.03 3.39 -17.60
N MET B 46 19.02 3.64 -18.43
CA MET B 46 17.84 2.77 -18.45
C MET B 46 18.21 1.37 -18.92
N GLY B 47 19.18 1.29 -19.84
CA GLY B 47 19.68 0.01 -20.29
C GLY B 47 20.35 -0.75 -19.15
N LEU B 48 21.15 -0.06 -18.35
CA LEU B 48 21.82 -0.69 -17.22
C LEU B 48 20.82 -1.13 -16.16
N LEU B 49 19.82 -0.29 -15.89
CA LEU B 49 18.88 -0.58 -14.81
C LEU B 49 17.93 -1.71 -15.19
N THR B 50 17.46 -1.71 -16.44
CA THR B 50 16.57 -2.77 -16.90
C THR B 50 17.31 -4.09 -17.01
N ASN B 51 18.57 -4.02 -17.43
CA ASN B 51 19.40 -5.22 -17.49
C ASN B 51 19.55 -5.83 -16.11
N LEU B 52 19.83 -4.98 -15.13
CA LEU B 52 19.99 -5.40 -13.74
C LEU B 52 18.68 -5.98 -13.18
N ALA B 53 17.57 -5.28 -13.42
CA ALA B 53 16.26 -5.75 -12.96
C ALA B 53 15.95 -7.15 -13.50
N ASP B 54 16.29 -7.36 -14.77
CA ASP B 54 16.06 -8.66 -15.39
CA ASP B 54 16.09 -8.66 -15.41
C ASP B 54 16.86 -9.76 -14.70
N ARG B 55 18.12 -9.49 -14.40
CA ARG B 55 18.94 -10.48 -13.73
C ARG B 55 18.50 -10.71 -12.29
N GLU B 56 18.10 -9.64 -11.60
CA GLU B 56 17.58 -9.74 -10.24
C GLU B 56 16.30 -10.57 -10.18
N LEU B 57 15.44 -10.41 -11.18
CA LEU B 57 14.19 -11.15 -11.23
C LEU B 57 14.41 -12.67 -11.27
N VAL B 58 15.41 -13.10 -12.01
CA VAL B 58 15.69 -14.53 -12.11
C VAL B 58 16.06 -15.09 -10.74
N HIS B 59 16.89 -14.36 -10.00
CA HIS B 59 17.27 -14.77 -8.64
C HIS B 59 16.08 -14.66 -7.68
N MET B 60 15.22 -13.67 -7.89
CA MET B 60 14.04 -13.49 -7.05
C MET B 60 13.12 -14.71 -7.13
N ILE B 61 12.97 -15.25 -8.33
CA ILE B 61 12.12 -16.41 -8.52
C ILE B 61 12.63 -17.63 -7.72
N ASN B 62 13.96 -17.81 -7.67
CA ASN B 62 14.53 -18.90 -6.86
C ASN B 62 14.39 -18.65 -5.36
N TRP B 63 14.52 -17.39 -4.96
CA TRP B 63 14.34 -17.01 -3.56
C TRP B 63 12.92 -17.27 -3.11
N ALA B 64 11.94 -16.90 -3.93
CA ALA B 64 10.53 -17.09 -3.57
C ALA B 64 10.25 -18.56 -3.27
N LYS B 65 10.80 -19.44 -4.09
CA LYS B 65 10.60 -20.87 -3.90
C LYS B 65 11.12 -21.36 -2.54
N ARG B 66 12.06 -20.62 -1.97
CA ARG B 66 12.64 -20.98 -0.68
C ARG B 66 11.97 -20.28 0.51
N VAL B 67 11.05 -19.37 0.23
CA VAL B 67 10.27 -18.76 1.31
C VAL B 67 9.26 -19.78 1.82
N PRO B 68 9.31 -20.09 3.12
CA PRO B 68 8.44 -21.13 3.66
C PRO B 68 6.98 -20.89 3.30
N GLY B 69 6.32 -21.93 2.80
CA GLY B 69 4.90 -21.86 2.49
C GLY B 69 4.60 -21.53 1.04
N PHE B 70 5.57 -20.94 0.35
CA PHE B 70 5.35 -20.50 -1.04
C PHE B 70 5.09 -21.67 -1.99
N VAL B 71 5.91 -22.71 -1.92
CA VAL B 71 5.75 -23.86 -2.83
C VAL B 71 4.54 -24.71 -2.50
N ASP B 72 3.90 -24.44 -1.37
CA ASP B 72 2.67 -25.12 -1.00
C ASP B 72 1.53 -24.66 -1.90
N LEU B 73 1.70 -23.50 -2.51
CA LEU B 73 0.67 -22.88 -3.33
C LEU B 73 0.68 -23.45 -4.75
N THR B 74 -0.46 -23.39 -5.43
CA THR B 74 -0.52 -23.78 -6.83
C THR B 74 0.40 -22.89 -7.66
N LEU B 75 0.89 -23.43 -8.76
CA LEU B 75 1.75 -22.68 -9.65
C LEU B 75 1.10 -21.36 -10.07
N HIS B 76 -0.23 -21.37 -10.23
CA HIS B 76 -0.93 -20.17 -10.66
CA HIS B 76 -0.99 -20.19 -10.64
C HIS B 76 -1.01 -19.11 -9.56
N ASP B 77 -1.08 -19.55 -8.32
CA ASP B 77 -1.07 -18.60 -7.20
C ASP B 77 0.33 -18.05 -6.99
N GLN B 78 1.35 -18.89 -7.19
CA GLN B 78 2.74 -18.45 -7.12
C GLN B 78 3.01 -17.36 -8.16
N VAL B 79 2.59 -17.63 -9.39
CA VAL B 79 2.73 -16.67 -10.48
C VAL B 79 2.05 -15.36 -10.11
N HIS B 80 0.82 -15.45 -9.61
CA HIS B 80 0.05 -14.27 -9.24
C HIS B 80 0.76 -13.41 -8.19
N LEU B 81 1.28 -14.04 -7.14
CA LEU B 81 1.95 -13.28 -6.09
C LEU B 81 3.20 -12.57 -6.62
N LEU B 82 4.01 -13.28 -7.40
CA LEU B 82 5.20 -12.70 -7.97
C LEU B 82 4.88 -11.59 -8.96
N GLU B 83 3.85 -11.79 -9.79
CA GLU B 83 3.46 -10.74 -10.73
C GLU B 83 3.02 -9.47 -10.01
N ALA B 85 3.89 -8.54 -6.80
CA ALA B 85 4.89 -8.03 -5.87
C ALA B 85 6.29 -7.76 -6.41
N TRP B 86 6.57 -8.12 -7.66
CA TRP B 86 7.96 -8.13 -8.14
C TRP B 86 8.71 -6.79 -7.99
N LEU B 87 8.07 -5.68 -8.32
CA LEU B 87 8.76 -4.40 -8.24
C LEU B 87 8.88 -3.91 -6.79
N GLU B 88 7.88 -4.21 -5.97
CA GLU B 88 7.98 -3.95 -4.53
C GLU B 88 9.19 -4.67 -3.93
N ILE B 89 9.38 -5.91 -4.36
CA ILE B 89 10.46 -6.73 -3.85
C ILE B 89 11.83 -6.21 -4.31
N LEU B 90 11.94 -5.83 -5.58
CA LEU B 90 13.17 -5.21 -6.08
C LEU B 90 13.46 -3.95 -5.29
N MET B 91 12.44 -3.12 -5.11
CA MET B 91 12.60 -1.84 -4.43
C MET B 91 13.01 -1.96 -2.97
N ILE B 92 12.37 -2.85 -2.21
CA ILE B 92 12.75 -2.96 -0.80
C ILE B 92 14.18 -3.47 -0.68
N GLY B 93 14.59 -4.33 -1.61
CA GLY B 93 15.96 -4.78 -1.66
C GLY B 93 16.92 -3.64 -1.95
N LEU B 94 16.56 -2.79 -2.90
CA LEU B 94 17.40 -1.63 -3.24
C LEU B 94 17.53 -0.68 -2.04
N VAL B 95 16.42 -0.44 -1.36
CA VAL B 95 16.40 0.46 -0.22
C VAL B 95 17.29 -0.11 0.90
N TRP B 96 17.18 -1.41 1.11
CA TRP B 96 18.04 -2.10 2.07
C TRP B 96 19.54 -1.95 1.74
N ARG B 97 19.90 -2.20 0.49
CA ARG B 97 21.29 -2.07 0.05
C ARG B 97 21.83 -0.65 0.27
N SER B 98 20.96 0.34 0.14
CA SER B 98 21.38 1.74 0.12
C SER B 98 21.34 2.38 1.51
N MET B 99 20.99 1.59 2.51
CA MET B 99 20.76 2.12 3.85
C MET B 99 21.96 2.85 4.44
N GLU B 100 23.16 2.31 4.21
CA GLU B 100 24.38 2.92 4.73
C GLU B 100 25.03 3.89 3.75
N HIS B 101 24.28 4.30 2.73
CA HIS B 101 24.77 5.27 1.76
C HIS B 101 23.80 6.44 1.62
N PRO B 102 23.72 7.28 2.65
CA PRO B 102 22.81 8.43 2.67
C PRO B 102 22.85 9.22 1.37
N GLY B 103 21.69 9.47 0.78
CA GLY B 103 21.60 10.26 -0.43
C GLY B 103 21.92 9.51 -1.71
N LYS B 104 22.21 8.22 -1.61
CA LYS B 104 22.57 7.44 -2.77
C LYS B 104 21.75 6.15 -2.86
N LEU B 105 21.67 5.59 -4.06
CA LEU B 105 21.00 4.31 -4.27
C LEU B 105 21.99 3.30 -4.82
N LEU B 106 22.24 2.26 -4.04
CA LEU B 106 23.19 1.24 -4.43
C LEU B 106 22.47 0.18 -5.27
N PHE B 107 22.30 0.47 -6.55
CA PHE B 107 21.72 -0.49 -7.47
C PHE B 107 22.62 -1.71 -7.54
N ALA B 108 23.93 -1.45 -7.52
CA ALA B 108 24.94 -2.50 -7.46
C ALA B 108 26.21 -1.90 -6.87
N PRO B 109 27.12 -2.76 -6.37
CA PRO B 109 28.32 -2.22 -5.71
C PRO B 109 29.09 -1.28 -6.63
N ASN B 110 29.03 -1.54 -7.92
CA ASN B 110 29.70 -0.69 -8.91
C ASN B 110 28.73 0.22 -9.65
N LEU B 111 27.53 0.37 -9.10
CA LEU B 111 26.54 1.27 -9.66
C LEU B 111 25.80 1.96 -8.52
N LEU B 112 26.50 2.89 -7.89
CA LEU B 112 25.98 3.63 -6.76
C LEU B 112 25.63 5.02 -7.24
N LEU B 113 24.34 5.27 -7.43
CA LEU B 113 23.87 6.49 -8.04
C LEU B 113 23.32 7.45 -6.99
N ASP B 114 23.71 8.71 -7.06
CA ASP B 114 23.18 9.66 -6.10
C ASP B 114 21.97 10.38 -6.67
N ARG B 115 21.29 11.10 -5.78
CA ARG B 115 20.00 11.70 -6.07
C ARG B 115 19.93 12.45 -7.42
N ASN B 116 20.97 13.23 -7.73
CA ASN B 116 20.95 14.04 -8.94
C ASN B 116 21.07 13.25 -10.25
N GLN B 117 21.57 12.03 -10.18
CA GLN B 117 21.74 11.23 -11.39
C GLN B 117 20.45 10.62 -11.89
N GLY B 118 19.44 10.57 -11.03
CA GLY B 118 18.11 10.17 -11.46
C GLY B 118 17.57 11.12 -12.50
N LYS B 119 18.14 12.32 -12.55
CA LYS B 119 17.71 13.32 -13.53
C LYS B 119 18.11 12.95 -14.96
N VAL B 121 17.25 10.56 -16.44
CA VAL B 121 16.10 9.88 -17.00
C VAL B 121 14.82 10.64 -16.71
N GLU B 122 14.01 10.84 -17.74
CA GLU B 122 12.75 11.55 -17.60
C GLU B 122 11.85 10.89 -16.57
N GLY B 123 11.42 11.66 -15.58
CA GLY B 123 10.47 11.20 -14.58
C GLY B 123 11.05 10.26 -13.55
N MET B 124 12.35 10.04 -13.60
CA MET B 124 13.00 9.10 -12.69
C MET B 124 13.27 9.72 -11.32
N VAL B 125 13.68 10.98 -11.31
CA VAL B 125 14.09 11.64 -10.08
C VAL B 125 13.03 11.53 -8.98
N GLU B 126 11.75 11.62 -9.35
CA GLU B 126 10.66 11.54 -8.38
C GLU B 126 10.68 10.18 -7.69
N ILE B 127 11.02 9.15 -8.44
CA ILE B 127 11.10 7.81 -7.87
C ILE B 127 12.33 7.68 -6.98
N PHE B 128 13.48 8.15 -7.47
CA PHE B 128 14.68 8.19 -6.65
C PHE B 128 14.38 8.81 -5.30
N ASP B 129 13.68 9.94 -5.31
CA ASP B 129 13.40 10.67 -4.07
C ASP B 129 12.59 9.86 -3.07
N MET B 130 11.60 9.12 -3.57
CA MET B 130 10.77 8.29 -2.70
C MET B 130 11.59 7.15 -2.11
N LEU B 131 12.46 6.56 -2.94
CA LEU B 131 13.32 5.47 -2.51
C LEU B 131 14.34 5.95 -1.47
N LEU B 132 14.90 7.14 -1.69
CA LEU B 132 15.84 7.73 -0.74
C LEU B 132 15.18 8.03 0.60
N ALA B 133 13.93 8.48 0.55
CA ALA B 133 13.19 8.76 1.78
C ALA B 133 12.93 7.48 2.57
N THR B 134 12.71 6.39 1.85
CA THR B 134 12.52 5.08 2.48
C THR B 134 13.81 4.59 3.14
N SER B 135 14.94 4.73 2.45
CA SER B 135 16.21 4.34 3.05
C SER B 135 16.51 5.17 4.29
N SER B 136 16.18 6.46 4.26
CA SER B 136 16.36 7.33 5.42
C SER B 136 15.52 6.84 6.59
N ARG B 137 14.28 6.46 6.29
CA ARG B 137 13.41 5.91 7.32
C ARG B 137 14.02 4.65 7.93
N PHE B 138 14.47 3.74 7.07
CA PHE B 138 15.16 2.52 7.53
C PHE B 138 16.32 2.86 8.44
N ARG B 139 17.11 3.86 8.02
CA ARG B 139 18.26 4.29 8.80
C ARG B 139 17.82 4.86 10.14
N MET B 140 16.74 5.64 10.11
CA MET B 140 16.23 6.28 11.32
C MET B 140 15.72 5.26 12.32
N MET B 141 15.21 4.14 11.82
CA MET B 141 14.70 3.06 12.67
C MET B 141 15.75 2.03 13.04
N ASN B 142 16.92 2.13 12.41
CA ASN B 142 17.95 1.13 12.58
C ASN B 142 17.48 -0.26 12.19
N LEU B 143 16.83 -0.37 11.03
CA LEU B 143 16.34 -1.66 10.54
C LEU B 143 17.42 -2.73 10.53
N GLN B 144 17.11 -3.89 11.09
CA GLN B 144 18.04 -5.01 11.13
C GLN B 144 17.85 -5.97 9.96
N GLY B 145 18.92 -6.65 9.58
CA GLY B 145 18.88 -7.58 8.46
C GLY B 145 17.84 -8.66 8.65
N GLU B 146 17.65 -9.09 9.89
CA GLU B 146 16.66 -10.12 10.19
C GLU B 146 15.23 -9.59 10.00
N GLU B 147 15.01 -8.32 10.31
CA GLU B 147 13.71 -7.69 10.10
C GLU B 147 13.46 -7.49 8.63
N PHE B 148 14.50 -7.07 7.91
CA PHE B 148 14.39 -6.87 6.46
C PHE B 148 13.90 -8.12 5.74
N VAL B 149 14.50 -9.28 6.01
CA VAL B 149 14.09 -10.48 5.28
C VAL B 149 12.66 -10.88 5.61
N CYS B 150 12.24 -10.64 6.85
CA CYS B 150 10.83 -10.84 7.22
C CYS B 150 9.91 -9.91 6.41
N LEU B 151 10.27 -8.63 6.31
CA LEU B 151 9.45 -7.67 5.59
C LEU B 151 9.31 -8.03 4.11
N LYS B 152 10.42 -8.45 3.51
CA LYS B 152 10.41 -8.83 2.10
C LYS B 152 9.52 -10.05 1.82
N SER B 153 9.51 -11.03 2.73
CA SER B 153 8.66 -12.20 2.58
CA SER B 153 8.66 -12.20 2.58
C SER B 153 7.19 -11.84 2.78
N ILE B 154 6.92 -10.91 3.68
CA ILE B 154 5.56 -10.42 3.90
C ILE B 154 5.02 -9.76 2.62
N ILE B 155 5.85 -8.99 1.95
CA ILE B 155 5.45 -8.37 0.68
C ILE B 155 5.06 -9.42 -0.35
N LEU B 156 5.89 -10.46 -0.50
CA LEU B 156 5.61 -11.55 -1.42
C LEU B 156 4.23 -12.19 -1.16
N LEU B 157 3.97 -12.53 0.10
CA LEU B 157 2.75 -13.23 0.45
C LEU B 157 1.51 -12.33 0.52
N ASN B 158 1.70 -11.06 0.89
CA ASN B 158 0.58 -10.16 1.14
C ASN B 158 0.04 -9.42 -0.09
N SER B 159 0.93 -8.92 -0.93
CA SER B 159 0.52 -7.92 -1.92
C SER B 159 -0.61 -8.38 -2.84
N GLY B 160 -0.56 -9.64 -3.28
CA GLY B 160 -1.58 -10.17 -4.17
C GLY B 160 -2.59 -11.10 -3.51
N VAL B 161 -2.53 -11.24 -2.19
CA VAL B 161 -3.35 -12.23 -1.51
C VAL B 161 -4.85 -11.94 -1.56
N TYR B 162 -5.23 -10.67 -1.68
CA TYR B 162 -6.64 -10.30 -1.77
C TYR B 162 -7.11 -10.22 -3.22
N THR B 163 -6.19 -10.30 -4.17
CA THR B 163 -6.54 -10.26 -5.58
C THR B 163 -6.81 -11.66 -6.14
N PHE B 164 -6.62 -12.69 -5.32
CA PHE B 164 -7.30 -13.95 -5.59
C PHE B 164 -8.40 -14.19 -4.54
N LEU B 165 -8.11 -14.99 -3.52
CA LEU B 165 -9.08 -15.21 -2.46
C LEU B 165 -9.40 -13.89 -1.74
N SER B 167 -11.72 -14.85 -3.89
CA SER B 167 -12.04 -15.65 -5.07
C SER B 167 -12.11 -17.13 -4.75
N THR B 168 -13.32 -17.62 -4.50
CA THR B 168 -13.56 -19.04 -4.34
C THR B 168 -14.13 -19.58 -5.66
N LEU B 169 -14.21 -20.90 -5.83
CA LEU B 169 -13.89 -21.89 -4.80
C LEU B 169 -13.11 -23.05 -5.41
N LYS B 170 -12.64 -23.98 -4.59
CA LYS B 170 -12.72 -23.87 -3.13
C LYS B 170 -11.35 -23.48 -2.60
N SER B 171 -10.63 -22.71 -3.39
CA SER B 171 -9.25 -22.34 -3.06
C SER B 171 -9.17 -21.33 -1.93
N LEU B 172 -10.06 -21.49 -0.94
CA LEU B 172 -9.98 -20.72 0.29
C LEU B 172 -8.90 -21.35 1.18
N GLU B 173 -8.55 -22.59 0.85
CA GLU B 173 -7.44 -23.26 1.49
C GLU B 173 -6.16 -22.47 1.23
N GLU B 174 -6.07 -21.91 0.03
CA GLU B 174 -4.92 -21.09 -0.35
C GLU B 174 -4.81 -19.84 0.52
N LYS B 175 -5.88 -19.06 0.56
CA LYS B 175 -5.91 -17.81 1.34
C LYS B 175 -5.63 -18.03 2.82
N ASP B 176 -6.38 -18.93 3.44
CA ASP B 176 -6.22 -19.21 4.86
C ASP B 176 -4.80 -19.64 5.20
N HIS B 177 -4.24 -20.52 4.37
CA HIS B 177 -2.87 -20.99 4.55
C HIS B 177 -1.89 -19.82 4.48
N ILE B 178 -2.04 -18.97 3.48
CA ILE B 178 -1.18 -17.79 3.33
C ILE B 178 -1.26 -16.88 4.56
N HIS B 179 -2.47 -16.69 5.08
CA HIS B 179 -2.64 -15.84 6.26
C HIS B 179 -2.02 -16.48 7.50
N ARG B 180 -2.04 -17.81 7.56
CA ARG B 180 -1.36 -18.52 8.65
C ARG B 180 0.14 -18.32 8.57
N VAL B 181 0.68 -18.37 7.35
CA VAL B 181 2.10 -18.17 7.16
C VAL B 181 2.48 -16.72 7.47
N LEU B 182 1.62 -15.78 7.07
CA LEU B 182 1.83 -14.38 7.41
C LEU B 182 1.87 -14.17 8.93
N ASP B 183 0.97 -14.82 9.66
CA ASP B 183 0.99 -14.75 11.12
C ASP B 183 2.32 -15.24 11.69
N LYS B 184 2.83 -16.34 11.12
CA LYS B 184 4.10 -16.89 11.56
C LYS B 184 5.24 -15.88 11.34
N ILE B 185 5.17 -15.11 10.26
CA ILE B 185 6.22 -14.11 10.03
C ILE B 185 6.07 -12.95 10.99
N THR B 186 4.83 -12.60 11.31
CA THR B 186 4.59 -11.57 12.32
C THR B 186 5.18 -12.04 13.64
N ASP B 187 4.91 -13.29 14.00
CA ASP B 187 5.47 -13.87 15.22
C ASP B 187 6.99 -13.73 15.22
N THR B 188 7.59 -13.95 14.05
CA THR B 188 9.05 -13.93 13.90
C THR B 188 9.62 -12.52 14.12
N LEU B 189 8.94 -11.52 13.56
CA LEU B 189 9.33 -10.13 13.78
C LEU B 189 9.29 -9.76 15.26
N ILE B 190 8.21 -10.12 15.93
CA ILE B 190 8.04 -9.80 17.34
C ILE B 190 9.11 -10.52 18.16
N HIS B 191 9.42 -11.75 17.77
CA HIS B 191 10.46 -12.54 18.42
C HIS B 191 11.81 -11.81 18.36
N LEU B 192 12.15 -11.31 17.17
CA LEU B 192 13.39 -10.57 16.98
C LEU B 192 13.46 -9.33 17.85
N MET B 193 12.32 -8.66 17.99
CA MET B 193 12.26 -7.43 18.79
C MET B 193 12.37 -7.74 20.28
N ALA B 194 11.69 -8.78 20.71
CA ALA B 194 11.77 -9.21 22.11
C ALA B 194 13.22 -9.61 22.41
N LYS B 195 13.82 -10.37 21.51
CA LYS B 195 15.21 -10.77 21.65
C LYS B 195 16.14 -9.55 21.73
N ALA B 196 15.78 -8.50 21.01
CA ALA B 196 16.58 -7.26 21.04
C ALA B 196 16.35 -6.44 22.30
N GLY B 197 15.43 -6.87 23.15
CA GLY B 197 15.22 -6.23 24.44
C GLY B 197 14.17 -5.12 24.48
N LEU B 198 13.33 -5.03 23.46
CA LEU B 198 12.29 -4.02 23.44
C LEU B 198 11.16 -4.40 24.39
N THR B 199 10.57 -3.41 25.06
CA THR B 199 9.40 -3.66 25.88
C THR B 199 8.24 -4.04 24.98
N LEU B 200 7.21 -4.61 25.58
CA LEU B 200 6.01 -4.98 24.84
C LEU B 200 5.44 -3.78 24.06
N GLN B 201 5.37 -2.63 24.70
CA GLN B 201 4.85 -1.43 24.05
C GLN B 201 5.71 -1.01 22.86
N GLN B 202 7.03 -1.12 23.02
CA GLN B 202 7.98 -0.79 21.96
C GLN B 202 7.92 -1.80 20.82
N GLN B 203 7.62 -3.06 21.14
CA GLN B 203 7.49 -4.09 20.11
C GLN B 203 6.30 -3.79 19.20
N HIS B 204 5.15 -3.50 19.81
CA HIS B 204 3.94 -3.26 19.04
C HIS B 204 4.09 -2.00 18.19
N GLN B 205 4.68 -0.97 18.78
CA GLN B 205 4.94 0.28 18.06
C GLN B 205 5.86 0.06 16.86
N ARG B 206 6.94 -0.69 17.08
CA ARG B 206 7.90 -0.93 16.01
C ARG B 206 7.32 -1.79 14.89
N LEU B 207 6.53 -2.79 15.26
CA LEU B 207 5.86 -3.63 14.28
C LEU B 207 5.00 -2.77 13.36
N ALA B 208 4.18 -1.90 13.95
CA ALA B 208 3.33 -1.01 13.18
C ALA B 208 4.15 -0.10 12.27
N GLN B 209 5.22 0.48 12.82
CA GLN B 209 6.11 1.34 12.04
C GLN B 209 6.65 0.61 10.81
N LEU B 210 7.12 -0.61 11.01
CA LEU B 210 7.65 -1.40 9.91
C LEU B 210 6.60 -1.70 8.84
N LEU B 211 5.42 -2.15 9.27
CA LEU B 211 4.36 -2.51 8.33
C LEU B 211 3.78 -1.31 7.59
N LEU B 212 3.82 -0.14 8.21
CA LEU B 212 3.32 1.05 7.54
C LEU B 212 4.24 1.45 6.39
N ILE B 213 5.52 1.12 6.50
CA ILE B 213 6.45 1.36 5.41
C ILE B 213 6.04 0.56 4.17
N LEU B 214 5.42 -0.60 4.37
CA LEU B 214 4.96 -1.41 3.25
C LEU B 214 3.94 -0.67 2.39
N SER B 215 3.19 0.25 2.99
CA SER B 215 2.24 1.08 2.25
CA SER B 215 2.24 1.05 2.22
C SER B 215 2.99 2.00 1.30
N HIS B 216 4.07 2.58 1.79
CA HIS B 216 4.90 3.47 0.97
CA HIS B 216 4.87 3.47 0.95
C HIS B 216 5.59 2.69 -0.15
N ILE B 217 6.01 1.48 0.16
CA ILE B 217 6.64 0.63 -0.85
C ILE B 217 5.62 0.27 -1.94
N ARG B 218 4.37 0.00 -1.56
CA ARG B 218 3.33 -0.25 -2.56
C ARG B 218 3.19 0.97 -3.47
N HIS B 219 3.11 2.14 -2.85
CA HIS B 219 2.98 3.38 -3.61
C HIS B 219 4.10 3.53 -4.64
N MET B 220 5.34 3.31 -4.19
CA MET B 220 6.50 3.46 -5.08
C MET B 220 6.45 2.47 -6.24
N SER B 221 6.02 1.25 -5.95
CA SER B 221 5.89 0.23 -6.99
C SER B 221 4.89 0.65 -8.07
N ASN B 222 3.74 1.16 -7.65
CA ASN B 222 2.74 1.64 -8.59
C ASN B 222 3.25 2.79 -9.47
N LYS B 223 3.97 3.74 -8.88
CA LYS B 223 4.57 4.83 -9.65
C LYS B 223 5.66 4.30 -10.57
N GLY B 224 6.42 3.34 -10.06
CA GLY B 224 7.49 2.71 -10.83
C GLY B 224 6.93 1.99 -12.04
N MET B 225 5.80 1.31 -11.86
CA MET B 225 5.18 0.56 -12.94
C MET B 225 4.69 1.50 -14.04
N GLU B 226 4.23 2.68 -13.67
CA GLU B 226 3.81 3.67 -14.67
C GLU B 226 5.01 4.23 -15.43
N HIS B 227 6.11 4.43 -14.71
CA HIS B 227 7.33 4.91 -15.34
C HIS B 227 7.84 3.88 -16.34
N LEU B 228 7.89 2.63 -15.91
CA LEU B 228 8.34 1.56 -16.80
C LEU B 228 7.44 1.46 -18.02
N TYR B 229 6.14 1.58 -17.83
CA TYR B 229 5.20 1.54 -18.95
C TYR B 229 5.44 2.65 -19.95
N SER B 230 5.77 3.85 -19.45
CA SER B 230 6.03 4.99 -20.32
C SER B 230 7.37 4.86 -21.03
N MET B 231 8.31 4.16 -20.39
CA MET B 231 9.61 3.88 -21.02
C MET B 231 9.45 2.88 -22.15
N LYS B 232 8.51 1.96 -22.00
CA LYS B 232 8.21 1.00 -23.07
C LYS B 232 7.66 1.70 -24.30
N LYS B 234 7.83 4.87 -25.09
CA LYS B 234 8.81 5.81 -25.64
C LYS B 234 9.96 5.06 -26.30
N ASN B 235 9.88 3.73 -26.30
CA ASN B 235 10.93 2.87 -26.87
C ASN B 235 12.34 3.34 -26.54
N VAL B 236 12.50 3.96 -25.37
CA VAL B 236 13.79 4.47 -24.95
C VAL B 236 14.80 3.33 -24.81
N VAL B 237 14.31 2.15 -24.47
CA VAL B 237 15.15 1.01 -24.19
C VAL B 237 14.43 -0.29 -24.56
N PRO B 238 15.14 -1.22 -25.19
CA PRO B 238 14.59 -2.56 -25.42
C PRO B 238 14.47 -3.31 -24.10
N LEU B 239 13.32 -3.92 -23.85
CA LEU B 239 13.07 -4.63 -22.60
C LEU B 239 13.00 -6.14 -22.83
N SER B 240 13.54 -6.91 -21.89
CA SER B 240 13.52 -8.36 -22.01
C SER B 240 12.08 -8.87 -22.02
N ASP B 241 11.90 -10.09 -22.48
CA ASP B 241 10.57 -10.69 -22.53
C ASP B 241 10.00 -10.93 -21.14
N LEU B 242 10.88 -11.29 -20.19
CA LEU B 242 10.45 -11.49 -18.81
C LEU B 242 9.96 -10.18 -18.21
N LEU B 243 10.75 -9.12 -18.39
CA LEU B 243 10.38 -7.81 -17.88
C LEU B 243 9.06 -7.31 -18.48
N LEU B 244 8.90 -7.52 -19.78
CA LEU B 244 7.67 -7.13 -20.47
C LEU B 244 6.44 -7.88 -19.95
N GLU B 245 6.63 -9.15 -19.61
CA GLU B 245 5.53 -9.97 -19.09
C GLU B 245 5.16 -9.55 -17.68
N MET B 246 6.16 -9.26 -16.85
CA MET B 246 5.90 -8.79 -15.49
C MET B 246 5.19 -7.44 -15.55
N LEU B 247 5.56 -6.62 -16.52
CA LEU B 247 4.92 -5.33 -16.71
C LEU B 247 3.48 -5.48 -17.18
N ASP B 248 3.27 -6.35 -18.17
CA ASP B 248 1.95 -6.53 -18.75
CA ASP B 248 1.95 -6.54 -18.76
C ASP B 248 0.96 -7.11 -17.73
N ALA B 249 1.48 -7.82 -16.74
CA ALA B 249 0.64 -8.40 -15.70
C ALA B 249 -0.12 -7.30 -14.93
N HIS B 250 0.46 -6.10 -14.89
CA HIS B 250 -0.20 -4.98 -14.22
C HIS B 250 -1.14 -4.24 -15.16
N ARG B 251 -1.24 -4.74 -16.39
CA ARG B 251 -2.18 -4.23 -17.38
C ARG B 251 -2.48 -2.76 -17.18
N LEU B 252 -1.47 -1.91 -17.41
CA LEU B 252 -1.66 -0.47 -17.33
C LEU B 252 -2.31 0.04 -18.61
N LYS C 3 -5.08 27.75 -3.48
CA LYS C 3 -5.69 26.43 -3.67
C LYS C 3 -6.91 26.24 -2.77
N ILE C 4 -7.93 25.57 -3.29
CA ILE C 4 -9.19 25.43 -2.56
C ILE C 4 -9.07 24.73 -1.21
N LEU C 5 -8.34 23.62 -1.18
CA LEU C 5 -8.21 22.85 0.05
C LEU C 5 -7.60 23.72 1.14
N HIS C 6 -6.64 24.52 0.75
CA HIS C 6 -5.97 25.46 1.64
C HIS C 6 -7.00 26.39 2.31
N ARG C 7 -7.92 26.92 1.51
CA ARG C 7 -8.97 27.80 2.03
C ARG C 7 -9.94 27.03 2.94
N LEU C 8 -10.33 25.83 2.52
CA LEU C 8 -11.27 25.02 3.29
C LEU C 8 -10.76 24.62 4.67
N LEU C 9 -9.44 24.48 4.81
CA LEU C 9 -8.85 24.08 6.07
C LEU C 9 -8.89 25.20 7.11
N GLN C 10 -9.19 26.41 6.66
CA GLN C 10 -9.27 27.55 7.56
C GLN C 10 -10.72 27.88 7.90
N GLU C 11 -11.62 27.57 6.97
CA GLU C 11 -13.05 27.86 7.10
C GLU C 11 -13.57 27.57 8.51
N LYS D 3 3.89 -18.79 -20.02
CA LYS D 3 4.57 -17.56 -19.65
C LYS D 3 5.97 -17.88 -19.14
N ILE D 4 6.90 -16.94 -19.31
CA ILE D 4 8.27 -17.15 -18.88
C ILE D 4 8.35 -17.41 -17.37
N LEU D 5 7.61 -16.63 -16.60
CA LEU D 5 7.60 -16.79 -15.15
C LEU D 5 7.11 -18.19 -14.78
N HIS D 6 6.11 -18.66 -15.51
CA HIS D 6 5.56 -19.99 -15.27
C HIS D 6 6.63 -21.06 -15.49
N ARG D 7 7.47 -20.84 -16.50
CA ARG D 7 8.53 -21.80 -16.82
C ARG D 7 9.67 -21.78 -15.79
N LEU D 8 10.00 -20.59 -15.30
CA LEU D 8 11.08 -20.46 -14.32
C LEU D 8 10.70 -21.04 -12.96
N LEU D 9 9.42 -20.97 -12.62
CA LEU D 9 8.95 -21.50 -11.34
C LEU D 9 8.93 -23.03 -11.34
N GLN D 10 9.22 -23.64 -12.49
CA GLN D 10 9.24 -25.11 -12.59
C GLN D 10 10.64 -25.68 -12.71
N GLU D 11 11.59 -24.86 -13.16
CA GLU D 11 12.97 -25.28 -13.33
C GLU D 11 13.53 -25.88 -12.04
#